data_5NJL
#
_entry.id   5NJL
#
_cell.length_a   134.828
_cell.length_b   134.828
_cell.length_c   102.835
_cell.angle_alpha   90.00
_cell.angle_beta   90.00
_cell.angle_gamma   120.00
#
_symmetry.space_group_name_H-M   'P 63 2 2'
#
loop_
_entity.id
_entity.type
_entity.pdbx_description
1 polymer 'Cell surface protein (Putative S-layer protein)'
2 non-polymer 'SULFATE ION'
3 water water
#
_entity_poly.entity_id   1
_entity_poly.type   'polypeptide(L)'
_entity_poly.pdbx_seq_one_letter_code
;TTQVKKETITKKEATELVSKVRDLMSQKYTGGSQVGQPIYEIKVGETLSKLKIITNIDELEKLVNALGENKELIVTITDK
GHITNSANEVVAEATEKYENSADLSAEANSITEKAKTETNGIYKVADVKASYDSAKDKLVITLRDKTDTVTSKTIEIGIG
DEKIDLTANPVDSTGTNLDPSTEGFRVNKIVKLGVAGAKNIDDVQLAEITIKNSDLNTVSPQDLYDGYRLTVKGNMVANG
TSKSISDISSKDSETGKYKFTIKYTDASGKAIELTVESTNEKDLKDAKAALEGNS
;
_entity_poly.pdbx_strand_id   A
#
loop_
_chem_comp.id
_chem_comp.type
_chem_comp.name
_chem_comp.formula
SO4 non-polymer 'SULFATE ION' 'O4 S -2'
#
# COMPACT_ATOMS: atom_id res chain seq x y z
CA GLN A 3 -5.30 2.77 -2.29
C GLN A 3 -4.30 3.50 -3.22
N VAL A 4 -4.08 2.91 -4.40
CA VAL A 4 -3.04 3.36 -5.34
C VAL A 4 -3.35 4.73 -5.95
N LYS A 5 -2.41 5.67 -5.80
CA LYS A 5 -2.48 6.94 -6.50
C LYS A 5 -2.14 6.77 -8.00
N LYS A 6 -3.12 6.96 -8.87
CA LYS A 6 -2.92 6.95 -10.33
C LYS A 6 -2.83 8.38 -10.83
N GLU A 7 -1.85 8.65 -11.68
CA GLU A 7 -1.62 9.98 -12.18
C GLU A 7 -0.97 9.90 -13.55
N THR A 8 -1.24 10.91 -14.37
CA THR A 8 -0.63 11.03 -15.67
C THR A 8 0.12 12.34 -15.69
N ILE A 9 1.38 12.27 -16.11
CA ILE A 9 2.22 13.46 -16.24
C ILE A 9 2.86 13.50 -17.62
N THR A 10 3.39 14.67 -17.97
CA THR A 10 4.12 14.82 -19.22
C THR A 10 5.58 14.40 -19.04
N LYS A 11 6.26 14.17 -20.16
CA LYS A 11 7.68 13.93 -20.14
C LYS A 11 8.44 15.08 -19.48
N LYS A 12 8.06 16.33 -19.74
CA LYS A 12 8.68 17.49 -19.08
C LYS A 12 8.50 17.45 -17.56
N GLU A 13 7.30 17.07 -17.11
CA GLU A 13 7.01 16.98 -15.67
C GLU A 13 7.72 15.78 -14.99
N ALA A 14 8.16 14.80 -15.77
CA ALA A 14 8.90 13.65 -15.24
C ALA A 14 10.23 14.01 -14.56
N THR A 15 10.76 15.21 -14.79
CA THR A 15 11.95 15.67 -14.02
C THR A 15 11.68 15.63 -12.51
N GLU A 16 10.48 16.06 -12.11
CA GLU A 16 10.05 15.98 -10.71
C GLU A 16 9.87 14.52 -10.26
N LEU A 17 9.34 13.65 -11.11
CA LEU A 17 9.24 12.24 -10.79
C LEU A 17 10.63 11.59 -10.59
N VAL A 18 11.57 11.90 -11.50
CA VAL A 18 12.94 11.40 -11.36
C VAL A 18 13.55 11.79 -10.03
N SER A 19 13.38 13.05 -9.65
CA SER A 19 13.88 13.52 -8.37
C SER A 19 13.29 12.76 -7.19
N LYS A 20 11.98 12.57 -7.21
CA LYS A 20 11.30 11.83 -6.13
C LYS A 20 11.68 10.36 -6.10
N VAL A 21 11.70 9.71 -7.25
CA VAL A 21 12.04 8.28 -7.31
C VAL A 21 13.52 8.04 -6.94
N ARG A 22 14.39 8.97 -7.32
CA ARG A 22 15.79 8.87 -6.91
C ARG A 22 15.90 8.80 -5.38
N ASP A 23 15.16 9.68 -4.70
CA ASP A 23 15.14 9.70 -3.22
CA ASP A 23 15.18 9.69 -3.23
C ASP A 23 14.60 8.39 -2.64
N LEU A 24 13.51 7.87 -3.22
CA LEU A 24 12.92 6.60 -2.79
C LEU A 24 13.88 5.46 -2.95
N MET A 25 14.56 5.42 -4.10
CA MET A 25 15.47 4.29 -4.40
C MET A 25 16.71 4.29 -3.51
N SER A 26 17.06 5.43 -2.92
CA SER A 26 18.20 5.50 -2.02
C SER A 26 17.83 5.01 -0.62
N GLN A 27 16.53 4.73 -0.35
CA GLN A 27 16.12 4.41 1.00
C GLN A 27 16.30 2.92 1.23
N LYS A 28 17.00 2.58 2.30
CA LYS A 28 17.30 1.21 2.67
C LYS A 28 16.80 0.92 4.10
N TYR A 29 16.54 -0.34 4.37
CA TYR A 29 16.28 -0.77 5.74
C TYR A 29 17.55 -0.51 6.59
N THR A 30 17.36 -0.07 7.83
CA THR A 30 18.47 0.26 8.72
C THR A 30 18.57 -0.72 9.88
N GLY A 31 17.84 -1.83 9.80
CA GLY A 31 17.97 -2.91 10.79
C GLY A 31 17.20 -4.15 10.39
N GLY A 32 17.28 -5.16 11.26
CA GLY A 32 16.67 -6.45 11.03
C GLY A 32 17.26 -7.22 9.86
N SER A 33 16.54 -8.23 9.40
CA SER A 33 17.08 -9.19 8.42
C SER A 33 17.46 -8.53 7.09
N GLN A 34 16.73 -7.47 6.71
CA GLN A 34 16.92 -6.80 5.41
C GLN A 34 17.79 -5.55 5.46
N VAL A 35 18.54 -5.35 6.55
CA VAL A 35 19.42 -4.20 6.67
C VAL A 35 20.26 -4.00 5.39
N GLY A 36 20.27 -2.77 4.90
CA GLY A 36 21.00 -2.42 3.67
C GLY A 36 20.30 -2.66 2.34
N GLN A 37 19.13 -3.28 2.36
CA GLN A 37 18.40 -3.57 1.12
CA GLN A 37 18.38 -3.62 1.14
C GLN A 37 17.38 -2.48 0.87
N PRO A 38 17.00 -2.29 -0.41
CA PRO A 38 16.05 -1.21 -0.68
C PRO A 38 14.61 -1.46 -0.14
N ILE A 39 14.01 -0.41 0.38
CA ILE A 39 12.64 -0.44 0.89
C ILE A 39 11.63 -0.42 -0.26
N TYR A 40 11.96 0.26 -1.36
CA TYR A 40 11.05 0.43 -2.50
C TYR A 40 11.41 -0.41 -3.70
N GLU A 41 10.35 -0.85 -4.40
CA GLU A 41 10.46 -1.60 -5.61
C GLU A 41 9.85 -0.74 -6.71
N ILE A 42 10.68 -0.39 -7.70
CA ILE A 42 10.24 0.47 -8.79
C ILE A 42 10.22 -0.38 -10.04
N LYS A 43 9.11 -0.32 -10.78
CA LYS A 43 9.01 -1.03 -12.01
C LYS A 43 8.66 -0.02 -13.12
N VAL A 44 9.17 -0.29 -14.31
CA VAL A 44 9.00 0.60 -15.48
C VAL A 44 8.74 -0.27 -16.69
N GLY A 45 7.79 0.15 -17.54
CA GLY A 45 7.55 -0.53 -18.81
C GLY A 45 6.62 0.28 -19.70
N GLU A 46 6.47 -0.15 -20.95
CA GLU A 46 5.60 0.55 -21.90
C GLU A 46 4.14 0.45 -21.50
N THR A 47 3.77 -0.70 -20.92
CA THR A 47 2.40 -0.96 -20.45
C THR A 47 2.41 -1.68 -19.10
N LEU A 48 1.25 -1.77 -18.47
CA LEU A 48 1.08 -2.52 -17.21
C LEU A 48 1.38 -4.01 -17.34
N SER A 49 1.30 -4.57 -18.55
CA SER A 49 1.69 -5.96 -18.80
C SER A 49 3.16 -6.17 -19.16
N LYS A 50 3.95 -5.10 -19.24
CA LYS A 50 5.35 -5.23 -19.63
C LYS A 50 6.27 -4.51 -18.63
N LEU A 51 5.91 -4.55 -17.35
CA LEU A 51 6.68 -3.85 -16.33
C LEU A 51 7.92 -4.67 -15.97
N LYS A 52 9.02 -3.98 -15.69
CA LYS A 52 10.26 -4.60 -15.26
C LYS A 52 10.82 -3.85 -14.07
N ILE A 53 11.33 -4.61 -13.09
CA ILE A 53 11.99 -4.05 -11.93
C ILE A 53 13.27 -3.35 -12.40
N ILE A 54 13.50 -2.14 -11.92
CA ILE A 54 14.78 -1.45 -12.13
C ILE A 54 15.51 -1.43 -10.81
N THR A 55 16.84 -1.45 -10.85
CA THR A 55 17.66 -1.38 -9.64
C THR A 55 18.44 -0.10 -9.46
N ASN A 56 18.45 0.76 -10.49
CA ASN A 56 19.12 2.06 -10.44
CA ASN A 56 19.12 2.04 -10.42
C ASN A 56 18.22 3.09 -11.12
N ILE A 57 18.17 4.28 -10.56
CA ILE A 57 17.41 5.41 -11.12
C ILE A 57 17.78 5.74 -12.57
N ASP A 58 19.03 5.51 -12.97
CA ASP A 58 19.44 5.74 -14.36
C ASP A 58 18.66 4.88 -15.35
N GLU A 59 18.19 3.71 -14.93
CA GLU A 59 17.37 2.92 -15.83
C GLU A 59 16.09 3.67 -16.22
N LEU A 60 15.49 4.37 -15.26
CA LEU A 60 14.30 5.18 -15.52
C LEU A 60 14.66 6.41 -16.34
N GLU A 61 15.72 7.11 -15.96
CA GLU A 61 16.17 8.29 -16.72
C GLU A 61 16.44 7.98 -18.18
N LYS A 62 17.13 6.89 -18.45
CA LYS A 62 17.38 6.48 -19.84
C LYS A 62 16.08 6.27 -20.66
N LEU A 63 15.10 5.62 -20.04
CA LEU A 63 13.84 5.32 -20.71
C LEU A 63 13.02 6.58 -20.93
N VAL A 64 12.96 7.45 -19.92
CA VAL A 64 12.25 8.73 -20.01
C VAL A 64 12.90 9.59 -21.09
N ASN A 65 14.22 9.76 -21.04
CA ASN A 65 14.94 10.55 -22.07
C ASN A 65 14.69 10.07 -23.51
N ALA A 66 14.59 8.76 -23.71
CA ALA A 66 14.39 8.20 -25.03
C ALA A 66 12.91 8.10 -25.46
N LEU A 67 11.97 8.56 -24.62
CA LEU A 67 10.55 8.34 -24.88
C LEU A 67 10.13 9.15 -26.11
N GLY A 68 9.56 8.47 -27.09
CA GLY A 68 9.21 9.08 -28.39
C GLY A 68 7.99 9.98 -28.31
N GLU A 69 7.77 10.75 -29.39
CA GLU A 69 6.61 11.65 -29.48
C GLU A 69 5.32 10.84 -29.43
N ASN A 70 4.39 11.26 -28.57
CA ASN A 70 3.11 10.56 -28.36
C ASN A 70 3.28 9.10 -27.93
N LYS A 71 4.42 8.79 -27.31
CA LYS A 71 4.62 7.49 -26.66
C LYS A 71 4.50 7.70 -25.15
N GLU A 72 4.38 6.59 -24.42
CA GLU A 72 4.27 6.64 -22.98
C GLU A 72 5.01 5.51 -22.28
N LEU A 73 5.20 5.73 -20.97
CA LEU A 73 5.94 4.83 -20.10
C LEU A 73 5.13 4.76 -18.80
N ILE A 74 5.05 3.58 -18.19
CA ILE A 74 4.34 3.40 -16.92
C ILE A 74 5.40 3.14 -15.84
N VAL A 75 5.30 3.86 -14.71
CA VAL A 75 6.18 3.63 -13.56
C VAL A 75 5.30 3.24 -12.37
N THR A 76 5.57 2.08 -11.75
CA THR A 76 4.90 1.72 -10.47
C THR A 76 5.85 1.77 -9.30
N ILE A 77 5.36 2.29 -8.19
CA ILE A 77 6.11 2.46 -6.95
C ILE A 77 5.42 1.57 -5.91
N THR A 78 6.14 0.58 -5.42
CA THR A 78 5.68 -0.34 -4.38
C THR A 78 6.59 -0.20 -3.13
N ASP A 79 5.97 0.03 -1.97
CA ASP A 79 6.60 -0.11 -0.66
C ASP A 79 6.68 -1.60 -0.37
N LYS A 80 7.89 -2.14 -0.22
CA LYS A 80 8.06 -3.55 0.07
C LYS A 80 7.67 -3.93 1.53
N GLY A 81 7.29 -2.95 2.34
CA GLY A 81 6.81 -3.17 3.70
C GLY A 81 7.89 -2.79 4.68
N HIS A 82 7.65 -1.72 5.43
CA HIS A 82 8.60 -1.27 6.44
C HIS A 82 7.90 -0.67 7.65
N ILE A 83 8.63 -0.62 8.75
CA ILE A 83 8.13 0.01 9.98
C ILE A 83 9.33 0.42 10.79
N THR A 84 9.18 1.42 11.64
CA THR A 84 10.20 1.76 12.61
C THR A 84 10.04 0.93 13.90
N ASN A 85 11.07 0.19 14.30
CA ASN A 85 10.99 -0.68 15.46
C ASN A 85 11.35 0.08 16.76
N SER A 86 11.39 -0.62 17.88
CA SER A 86 11.56 0.01 19.18
C SER A 86 12.99 0.54 19.37
N ALA A 87 13.93 0.07 18.56
CA ALA A 87 15.29 0.62 18.52
C ALA A 87 15.51 1.73 17.47
N ASN A 88 14.42 2.27 16.93
CA ASN A 88 14.43 3.38 15.97
C ASN A 88 15.12 3.02 14.64
N GLU A 89 15.00 1.76 14.22
CA GLU A 89 15.52 1.25 12.95
C GLU A 89 14.34 1.00 12.05
N VAL A 90 14.54 1.22 10.76
CA VAL A 90 13.54 0.89 9.75
C VAL A 90 13.75 -0.56 9.32
N VAL A 91 12.74 -1.40 9.57
CA VAL A 91 12.85 -2.83 9.36
C VAL A 91 11.75 -3.38 8.46
N ALA A 92 11.98 -4.58 7.94
CA ALA A 92 11.14 -5.23 6.94
C ALA A 92 10.10 -6.18 7.54
N GLU A 93 10.29 -6.52 8.80
CA GLU A 93 9.47 -7.51 9.47
C GLU A 93 9.04 -6.97 10.84
N ALA A 94 7.87 -7.42 11.29
CA ALA A 94 7.29 -6.97 12.56
C ALA A 94 6.17 -7.91 12.99
N THR A 95 5.89 -7.91 14.30
CA THR A 95 4.73 -8.63 14.83
C THR A 95 3.47 -7.97 14.28
N GLU A 96 2.55 -8.79 13.78
CA GLU A 96 1.30 -8.27 13.30
C GLU A 96 0.49 -7.66 14.45
N LYS A 97 -0.33 -6.68 14.10
CA LYS A 97 -1.16 -5.97 15.06
C LYS A 97 -2.63 -6.39 15.00
N TYR A 98 -3.34 -6.21 16.11
CA TYR A 98 -4.80 -6.30 16.12
C TYR A 98 -5.35 -5.12 15.31
N GLU A 99 -6.12 -5.39 14.27
CA GLU A 99 -6.58 -4.33 13.36
C GLU A 99 -8.01 -3.93 13.59
N ASN A 100 -8.80 -4.80 14.25
CA ASN A 100 -10.20 -4.51 14.47
C ASN A 100 -10.75 -5.32 15.65
N SER A 101 -11.98 -5.03 16.01
CA SER A 101 -12.68 -5.71 17.10
C SER A 101 -12.71 -7.21 16.97
N ALA A 102 -12.90 -7.72 15.74
CA ALA A 102 -12.90 -9.17 15.48
C ALA A 102 -11.58 -9.88 15.79
N ASP A 103 -10.46 -9.21 15.53
CA ASP A 103 -9.16 -9.73 15.89
C ASP A 103 -8.99 -9.89 17.42
N LEU A 104 -9.47 -8.92 18.18
CA LEU A 104 -9.41 -9.00 19.65
C LEU A 104 -10.31 -10.14 20.17
N SER A 105 -11.51 -10.22 19.61
CA SER A 105 -12.44 -11.27 19.96
C SER A 105 -11.91 -12.65 19.65
N ALA A 106 -11.32 -12.83 18.46
CA ALA A 106 -10.66 -14.10 18.09
C ALA A 106 -9.53 -14.49 19.03
N GLU A 107 -8.74 -13.51 19.46
CA GLU A 107 -7.64 -13.79 20.37
C GLU A 107 -8.14 -14.28 21.73
N ALA A 108 -9.17 -13.64 22.27
CA ALA A 108 -9.79 -14.07 23.53
C ALA A 108 -10.23 -15.53 23.43
N ASN A 109 -10.88 -15.87 22.32
CA ASN A 109 -11.30 -17.27 22.08
CA ASN A 109 -11.32 -17.26 22.05
C ASN A 109 -10.13 -18.20 21.98
N SER A 110 -9.09 -17.81 21.26
CA SER A 110 -7.90 -18.63 21.12
C SER A 110 -7.19 -18.88 22.44
N ILE A 111 -6.97 -17.82 23.21
CA ILE A 111 -6.33 -17.96 24.52
C ILE A 111 -7.15 -18.86 25.47
N THR A 112 -8.46 -18.64 25.49
CA THR A 112 -9.36 -19.41 26.34
C THR A 112 -9.25 -20.91 25.99
N GLU A 113 -9.21 -21.22 24.69
CA GLU A 113 -9.04 -22.60 24.23
C GLU A 113 -7.65 -23.13 24.56
N LYS A 114 -6.60 -22.37 24.26
CA LYS A 114 -5.25 -22.78 24.60
C LYS A 114 -5.04 -23.04 26.10
N ALA A 115 -5.69 -22.27 26.96
CA ALA A 115 -5.51 -22.43 28.41
C ALA A 115 -5.99 -23.78 28.93
N LYS A 116 -6.93 -24.40 28.24
CA LYS A 116 -7.39 -25.75 28.62
C LYS A 116 -6.30 -26.82 28.60
N THR A 117 -5.32 -26.70 27.70
CA THR A 117 -4.28 -27.73 27.53
C THR A 117 -2.84 -27.28 27.56
N GLU A 118 -2.56 -25.98 27.36
CA GLU A 118 -1.17 -25.53 27.26
C GLU A 118 -0.34 -25.81 28.49
N THR A 119 0.91 -26.20 28.23
CA THR A 119 1.90 -26.45 29.26
C THR A 119 3.15 -25.61 29.04
N ASN A 120 3.11 -24.59 28.18
CA ASN A 120 4.28 -23.76 27.87
C ASN A 120 4.15 -22.33 28.37
N GLY A 121 5.29 -21.71 28.67
CA GLY A 121 5.38 -20.33 29.07
C GLY A 121 4.48 -20.02 30.25
N ILE A 122 3.68 -18.96 30.11
CA ILE A 122 2.84 -18.49 31.21
C ILE A 122 1.77 -19.52 31.58
N TYR A 123 1.23 -20.22 30.58
CA TYR A 123 0.21 -21.22 30.83
C TYR A 123 0.61 -22.33 31.81
N LYS A 124 1.89 -22.65 31.86
CA LYS A 124 2.43 -23.66 32.78
C LYS A 124 2.32 -23.27 34.25
N VAL A 125 2.50 -21.98 34.54
CA VAL A 125 2.64 -21.51 35.91
C VAL A 125 1.48 -20.62 36.38
N ALA A 126 0.51 -20.36 35.50
CA ALA A 126 -0.61 -19.46 35.82
C ALA A 126 -1.93 -19.92 35.26
N ASP A 127 -3.02 -19.66 36.00
CA ASP A 127 -4.38 -19.80 35.52
C ASP A 127 -4.64 -18.58 34.64
N VAL A 128 -5.32 -18.75 33.53
CA VAL A 128 -5.48 -17.67 32.53
C VAL A 128 -6.93 -17.48 32.23
N LYS A 129 -7.37 -16.23 32.24
CA LYS A 129 -8.64 -15.85 31.67
C LYS A 129 -8.41 -14.80 30.61
N ALA A 130 -9.17 -14.87 29.53
CA ALA A 130 -9.05 -13.86 28.51
C ALA A 130 -10.43 -13.45 28.08
N SER A 131 -10.67 -12.16 28.09
CA SER A 131 -12.01 -11.61 27.88
C SER A 131 -11.97 -10.56 26.78
N TYR A 132 -12.94 -10.58 25.85
CA TYR A 132 -13.10 -9.48 24.91
C TYR A 132 -14.28 -8.65 25.41
N ASP A 133 -14.00 -7.43 25.82
CA ASP A 133 -14.99 -6.51 26.31
C ASP A 133 -15.50 -5.74 25.10
N SER A 134 -16.70 -6.13 24.66
CA SER A 134 -17.39 -5.52 23.50
C SER A 134 -17.58 -4.03 23.64
N ALA A 135 -17.83 -3.58 24.85
CA ALA A 135 -18.13 -2.17 25.10
C ALA A 135 -16.90 -1.28 25.00
N LYS A 136 -15.83 -1.67 25.71
CA LYS A 136 -14.57 -0.90 25.73
C LYS A 136 -13.68 -1.16 24.52
N ASP A 137 -13.97 -2.25 23.79
CA ASP A 137 -13.19 -2.69 22.67
C ASP A 137 -11.73 -3.04 23.06
N LYS A 138 -11.59 -3.88 24.09
CA LYS A 138 -10.30 -4.31 24.61
C LYS A 138 -10.26 -5.82 24.87
N LEU A 139 -9.09 -6.41 24.69
CA LEU A 139 -8.82 -7.78 25.13
C LEU A 139 -8.19 -7.63 26.54
N VAL A 140 -8.78 -8.30 27.52
CA VAL A 140 -8.31 -8.21 28.90
C VAL A 140 -7.85 -9.60 29.32
N ILE A 141 -6.56 -9.71 29.61
CA ILE A 141 -5.94 -10.95 30.03
C ILE A 141 -5.68 -10.90 31.53
N THR A 142 -6.18 -11.91 32.25
CA THR A 142 -6.04 -11.93 33.72
C THR A 142 -5.37 -13.24 34.09
N LEU A 143 -4.28 -13.11 34.85
CA LEU A 143 -3.41 -14.21 35.23
C LEU A 143 -3.38 -14.32 36.74
N ARG A 144 -3.27 -15.55 37.22
CA ARG A 144 -3.02 -15.80 38.62
C ARG A 144 -2.05 -16.95 38.76
N ASP A 145 -1.08 -16.83 39.67
CA ASP A 145 -0.12 -17.92 39.90
C ASP A 145 -0.91 -19.17 40.38
N LYS A 146 -0.53 -20.35 39.90
CA LYS A 146 -1.17 -21.61 40.30
C LYS A 146 -0.81 -22.03 41.73
N THR A 147 0.41 -21.75 42.17
CA THR A 147 0.91 -22.28 43.44
C THR A 147 1.61 -21.22 44.30
N ASP A 148 1.82 -21.59 45.56
CA ASP A 148 2.62 -20.84 46.54
C ASP A 148 1.97 -19.53 46.92
N THR A 149 2.68 -18.40 46.96
CA THR A 149 2.03 -17.16 47.37
C THR A 149 1.40 -16.53 46.12
N VAL A 150 0.08 -16.69 46.00
CA VAL A 150 -0.61 -16.44 44.74
C VAL A 150 -0.80 -14.94 44.52
N THR A 151 -0.25 -14.47 43.40
CA THR A 151 -0.44 -13.11 42.91
C THR A 151 -1.21 -13.12 41.61
N SER A 152 -1.57 -11.93 41.16
CA SER A 152 -2.36 -11.77 39.93
C SER A 152 -1.85 -10.62 39.09
N LYS A 153 -2.30 -10.59 37.84
CA LYS A 153 -1.97 -9.49 36.94
C LYS A 153 -3.07 -9.42 35.90
N THR A 154 -3.50 -8.20 35.58
CA THR A 154 -4.41 -7.97 34.49
C THR A 154 -3.71 -7.07 33.47
N ILE A 155 -3.79 -7.46 32.20
CA ILE A 155 -3.16 -6.73 31.09
C ILE A 155 -4.25 -6.41 30.08
N GLU A 156 -4.29 -5.15 29.62
CA GLU A 156 -5.26 -4.69 28.62
CA GLU A 156 -5.25 -4.70 28.63
C GLU A 156 -4.57 -4.52 27.26
N ILE A 157 -5.18 -5.10 26.23
CA ILE A 157 -4.65 -5.12 24.85
C ILE A 157 -5.74 -4.49 23.98
N GLY A 158 -5.33 -3.57 23.11
CA GLY A 158 -6.28 -2.86 22.24
C GLY A 158 -5.98 -2.96 20.76
N ILE A 159 -6.86 -2.35 19.98
CA ILE A 159 -6.67 -2.25 18.54
C ILE A 159 -5.40 -1.46 18.33
N GLY A 160 -4.55 -1.96 17.45
CA GLY A 160 -3.30 -1.31 17.12
C GLY A 160 -2.13 -1.84 17.90
N ASP A 161 -2.36 -2.64 18.93
CA ASP A 161 -1.28 -3.31 19.65
C ASP A 161 -0.77 -4.52 18.90
N GLU A 162 0.50 -4.85 19.13
CA GLU A 162 1.10 -6.06 18.58
C GLU A 162 0.51 -7.31 19.23
N LYS A 163 0.31 -8.35 18.42
CA LYS A 163 -0.24 -9.61 18.89
C LYS A 163 0.62 -10.22 19.96
N ILE A 164 -0.02 -10.69 21.01
CA ILE A 164 0.70 -11.19 22.17
C ILE A 164 0.76 -12.72 22.13
N ASP A 165 1.66 -13.30 22.91
CA ASP A 165 1.84 -14.75 22.95
C ASP A 165 2.19 -15.13 24.38
N LEU A 166 1.28 -15.84 25.05
CA LEU A 166 1.46 -16.21 26.45
CA LEU A 166 1.47 -16.21 26.45
C LEU A 166 2.46 -17.37 26.64
N THR A 167 2.89 -18.02 25.54
CA THR A 167 3.99 -18.97 25.59
C THR A 167 5.37 -18.29 25.56
N ALA A 168 5.44 -17.02 25.15
CA ALA A 168 6.68 -16.26 25.14
C ALA A 168 6.97 -15.64 26.51
N ASN A 169 8.24 -15.32 26.70
CA ASN A 169 8.70 -14.67 27.92
C ASN A 169 8.12 -13.27 28.02
N PRO A 170 7.43 -12.97 29.13
CA PRO A 170 6.99 -11.61 29.31
C PRO A 170 8.14 -10.72 29.78
N VAL A 171 7.89 -9.44 29.89
CA VAL A 171 8.86 -8.45 30.31
C VAL A 171 8.52 -7.91 31.69
N ASP A 172 9.55 -7.80 32.53
CA ASP A 172 9.41 -7.23 33.86
C ASP A 172 9.89 -5.77 33.92
N SER A 173 9.98 -5.21 35.12
CA SER A 173 10.23 -3.77 35.27
C SER A 173 11.69 -3.39 34.95
N THR A 174 12.59 -4.38 34.89
CA THR A 174 13.96 -4.13 34.47
C THR A 174 14.11 -4.07 32.97
N GLY A 175 13.05 -4.37 32.23
CA GLY A 175 13.13 -4.48 30.80
C GLY A 175 13.56 -5.86 30.31
N THR A 176 13.77 -6.81 31.23
CA THR A 176 14.22 -8.16 30.84
C THR A 176 13.04 -9.00 30.37
N ASN A 177 13.23 -9.74 29.29
CA ASN A 177 12.34 -10.85 28.91
C ASN A 177 12.64 -12.04 29.81
N LEU A 178 11.73 -12.28 30.73
CA LEU A 178 11.93 -13.15 31.88
C LEU A 178 11.28 -14.50 31.63
N ASP A 179 11.96 -15.60 31.95
CA ASP A 179 11.41 -16.93 31.78
C ASP A 179 10.37 -17.24 32.89
N PRO A 180 9.12 -17.57 32.51
CA PRO A 180 8.08 -17.83 33.55
C PRO A 180 8.36 -19.04 34.45
N SER A 181 9.19 -19.98 33.99
CA SER A 181 9.62 -21.12 34.80
CA SER A 181 9.58 -21.11 34.84
C SER A 181 10.78 -20.80 35.75
N THR A 182 11.28 -19.56 35.74
CA THR A 182 12.29 -19.15 36.73
C THR A 182 11.68 -19.44 38.13
N GLU A 183 12.42 -20.11 39.01
CA GLU A 183 11.86 -20.39 40.35
C GLU A 183 11.77 -19.04 41.05
N GLY A 184 10.64 -18.78 41.67
CA GLY A 184 10.38 -17.47 42.24
C GLY A 184 9.60 -16.51 41.32
N PHE A 185 9.48 -16.82 40.03
CA PHE A 185 8.64 -16.00 39.12
C PHE A 185 7.22 -15.85 39.68
N ARG A 186 6.69 -14.64 39.67
CA ARG A 186 5.31 -14.37 40.06
C ARG A 186 4.68 -13.51 38.96
N VAL A 187 3.41 -13.76 38.64
CA VAL A 187 2.79 -13.03 37.50
C VAL A 187 2.68 -11.53 37.75
N ASN A 188 2.60 -11.10 39.01
CA ASN A 188 2.52 -9.65 39.29
C ASN A 188 3.80 -8.88 38.95
N LYS A 189 4.88 -9.56 38.61
CA LYS A 189 6.07 -8.89 38.07
C LYS A 189 6.02 -8.63 36.53
N ILE A 190 4.99 -9.11 35.85
CA ILE A 190 4.80 -8.87 34.41
C ILE A 190 4.38 -7.45 34.24
N VAL A 191 5.08 -6.74 33.37
CA VAL A 191 4.74 -5.39 32.96
C VAL A 191 4.11 -5.45 31.57
N LYS A 192 4.64 -6.28 30.69
CA LYS A 192 3.99 -6.51 29.41
C LYS A 192 4.23 -7.91 28.94
N LEU A 193 3.27 -8.40 28.17
CA LEU A 193 3.35 -9.74 27.65
C LEU A 193 4.31 -9.80 26.46
N GLY A 194 4.90 -10.96 26.26
CA GLY A 194 5.72 -11.20 25.08
C GLY A 194 4.86 -11.19 23.83
N VAL A 195 5.48 -10.90 22.70
CA VAL A 195 4.75 -10.80 21.45
C VAL A 195 4.92 -12.04 20.56
N ALA A 196 4.03 -12.15 19.58
CA ALA A 196 4.11 -13.21 18.60
C ALA A 196 5.31 -12.93 17.68
N GLY A 197 5.67 -13.94 16.90
CA GLY A 197 6.85 -13.87 16.04
C GLY A 197 6.64 -12.82 14.95
N ALA A 198 7.74 -12.18 14.57
CA ALA A 198 7.70 -11.17 13.49
C ALA A 198 7.41 -11.85 12.16
N LYS A 199 6.68 -11.15 11.31
CA LYS A 199 6.33 -11.63 9.98
C LYS A 199 6.73 -10.57 8.99
N ASN A 200 7.00 -10.99 7.76
CA ASN A 200 7.32 -10.06 6.68
C ASN A 200 6.18 -9.08 6.50
N ILE A 201 6.46 -7.79 6.51
CA ILE A 201 5.42 -6.77 6.32
C ILE A 201 5.00 -6.81 4.84
N ASP A 202 3.68 -6.73 4.58
CA ASP A 202 3.17 -6.87 3.22
C ASP A 202 3.52 -5.64 2.38
N ASP A 203 3.70 -5.89 1.08
CA ASP A 203 3.80 -4.81 0.08
C ASP A 203 2.61 -3.86 0.19
N VAL A 204 2.84 -2.61 -0.15
CA VAL A 204 1.79 -1.61 -0.34
C VAL A 204 2.09 -0.92 -1.68
N GLN A 205 1.24 -1.11 -2.67
CA GLN A 205 1.34 -0.35 -3.92
C GLN A 205 0.97 1.09 -3.69
N LEU A 206 1.90 2.00 -3.96
CA LEU A 206 1.70 3.39 -3.66
C LEU A 206 1.26 4.21 -4.86
N ALA A 207 1.76 3.88 -6.05
CA ALA A 207 1.49 4.72 -7.22
C ALA A 207 1.67 3.99 -8.52
N GLU A 208 0.95 4.48 -9.53
CA GLU A 208 1.11 4.09 -10.92
C GLU A 208 1.12 5.42 -11.67
N ILE A 209 2.26 5.79 -12.26
CA ILE A 209 2.41 7.07 -12.94
C ILE A 209 2.60 6.78 -14.42
N THR A 210 1.73 7.36 -15.25
CA THR A 210 1.83 7.24 -16.71
C THR A 210 2.50 8.51 -17.23
N ILE A 211 3.63 8.33 -17.91
CA ILE A 211 4.40 9.45 -18.43
C ILE A 211 4.11 9.48 -19.94
N LYS A 212 3.64 10.62 -20.43
CA LYS A 212 3.24 10.74 -21.84
C LYS A 212 4.04 11.85 -22.45
N ASN A 213 4.72 11.55 -23.56
CA ASN A 213 5.42 12.61 -24.28
C ASN A 213 4.44 13.27 -25.26
N SER A 214 3.57 14.10 -24.69
CA SER A 214 2.47 14.72 -25.42
C SER A 214 2.01 15.95 -24.67
N ASP A 215 1.29 16.80 -25.40
CA ASP A 215 0.67 18.01 -24.84
C ASP A 215 -0.75 17.56 -24.54
N LEU A 216 -1.14 17.59 -23.28
CA LEU A 216 -2.38 16.95 -22.81
C LEU A 216 -3.50 17.95 -22.58
N ASN A 217 -4.72 17.53 -22.92
CA ASN A 217 -5.89 18.36 -22.75
C ASN A 217 -7.10 17.47 -22.72
N THR A 218 -8.12 17.87 -21.95
CA THR A 218 -9.37 17.12 -21.81
C THR A 218 -10.55 18.01 -22.22
N VAL A 219 -11.43 17.48 -23.07
CA VAL A 219 -12.56 18.22 -23.62
C VAL A 219 -13.84 17.38 -23.51
N SER A 220 -14.98 18.02 -23.80
CA SER A 220 -16.28 17.33 -23.90
C SER A 220 -16.49 16.91 -25.35
N PRO A 221 -17.41 15.94 -25.61
CA PRO A 221 -17.71 15.58 -27.01
C PRO A 221 -18.38 16.71 -27.77
N GLN A 222 -19.12 17.55 -27.02
CA GLN A 222 -19.77 18.75 -27.53
C GLN A 222 -18.74 19.72 -28.13
N ASP A 223 -17.57 19.82 -27.49
CA ASP A 223 -16.47 20.64 -27.98
CA ASP A 223 -16.49 20.67 -27.99
C ASP A 223 -16.06 20.27 -29.42
N LEU A 224 -16.18 18.98 -29.75
CA LEU A 224 -15.77 18.43 -31.05
C LEU A 224 -16.90 18.11 -32.04
N TYR A 225 -18.11 17.93 -31.53
CA TYR A 225 -19.22 17.38 -32.33
C TYR A 225 -20.55 17.84 -31.73
N ASP A 226 -21.44 18.39 -32.55
CA ASP A 226 -22.70 19.04 -32.09
C ASP A 226 -23.97 18.14 -32.08
N GLY A 227 -23.79 16.84 -32.33
CA GLY A 227 -24.90 15.91 -32.55
C GLY A 227 -25.14 15.55 -34.01
N TYR A 228 -24.59 16.35 -34.93
CA TYR A 228 -24.78 16.14 -36.38
C TYR A 228 -23.50 16.26 -37.19
N ARG A 229 -22.70 17.29 -36.89
CA ARG A 229 -21.47 17.63 -37.60
C ARG A 229 -20.33 17.94 -36.62
N LEU A 230 -19.10 17.73 -37.09
CA LEU A 230 -17.89 18.15 -36.37
C LEU A 230 -17.88 19.67 -36.24
N THR A 231 -17.45 20.16 -35.08
CA THR A 231 -17.19 21.58 -34.88
C THR A 231 -15.91 21.95 -35.64
N VAL A 232 -15.57 23.23 -35.63
CA VAL A 232 -14.32 23.68 -36.21
C VAL A 232 -13.15 22.98 -35.49
N LYS A 233 -13.21 22.96 -34.15
CA LYS A 233 -12.18 22.24 -33.37
C LYS A 233 -12.15 20.76 -33.73
N GLY A 234 -13.34 20.15 -33.86
CA GLY A 234 -13.43 18.75 -34.28
C GLY A 234 -12.75 18.47 -35.60
N ASN A 235 -12.94 19.36 -36.58
CA ASN A 235 -12.27 19.20 -37.88
C ASN A 235 -10.76 19.34 -37.82
N MET A 236 -10.26 20.23 -36.97
CA MET A 236 -8.81 20.38 -36.76
C MET A 236 -8.21 19.08 -36.18
N VAL A 237 -8.92 18.51 -35.21
CA VAL A 237 -8.51 17.25 -34.58
C VAL A 237 -8.53 16.15 -35.62
N ALA A 238 -9.64 16.02 -36.34
CA ALA A 238 -9.76 15.00 -37.39
C ALA A 238 -8.69 15.16 -38.46
N ASN A 239 -8.23 16.38 -38.72
CA ASN A 239 -7.15 16.63 -39.69
C ASN A 239 -5.73 16.48 -39.11
N GLY A 240 -5.61 16.15 -37.83
CA GLY A 240 -4.30 15.81 -37.27
C GLY A 240 -3.74 14.59 -37.97
N THR A 241 -2.42 14.44 -37.95
CA THR A 241 -1.73 13.30 -38.55
C THR A 241 -1.31 12.28 -37.48
N SER A 242 -0.94 11.08 -37.94
CA SER A 242 -0.56 9.94 -37.08
C SER A 242 -1.54 9.76 -35.93
N LYS A 243 -2.82 9.70 -36.29
CA LYS A 243 -3.90 9.62 -35.33
C LYS A 243 -3.95 8.20 -34.79
N SER A 244 -4.12 8.08 -33.47
CA SER A 244 -4.54 6.82 -32.87
C SER A 244 -5.66 7.15 -31.89
N ILE A 245 -6.80 6.49 -32.06
CA ILE A 245 -7.98 6.72 -31.23
C ILE A 245 -8.20 5.47 -30.36
N SER A 246 -8.33 5.67 -29.06
CA SER A 246 -8.44 4.57 -28.09
C SER A 246 -9.86 4.04 -27.98
N ASP A 247 -9.99 2.99 -27.16
CA ASP A 247 -11.24 2.26 -26.94
C ASP A 247 -12.46 3.07 -26.59
N ILE A 248 -13.50 2.84 -27.40
CA ILE A 248 -14.92 3.04 -27.11
C ILE A 248 -15.23 3.84 -25.82
N SER A 249 -14.79 3.30 -24.67
CA SER A 249 -15.09 3.91 -23.37
C SER A 249 -14.03 3.63 -22.31
N SER A 250 -14.24 4.24 -21.14
CA SER A 250 -13.51 3.98 -19.90
C SER A 250 -14.34 3.10 -18.93
N LYS A 251 -15.58 2.79 -19.32
CA LYS A 251 -16.56 2.05 -18.50
C LYS A 251 -16.93 2.70 -17.16
N ASP A 252 -16.74 4.02 -17.04
CA ASP A 252 -16.95 4.78 -15.81
C ASP A 252 -15.85 4.49 -14.79
N SER A 253 -15.68 5.39 -13.82
CA SER A 253 -14.78 5.16 -12.69
C SER A 253 -15.56 5.40 -11.37
N GLU A 254 -15.30 6.52 -10.69
CA GLU A 254 -16.07 6.94 -9.51
C GLU A 254 -16.45 8.42 -9.70
N THR A 255 -16.79 8.77 -10.95
CA THR A 255 -17.17 10.14 -11.35
C THR A 255 -18.44 10.22 -12.22
N GLY A 256 -18.84 9.12 -12.85
CA GLY A 256 -19.85 9.14 -13.91
C GLY A 256 -19.20 9.12 -15.27
N LYS A 257 -18.20 9.98 -15.46
CA LYS A 257 -17.56 10.24 -16.75
C LYS A 257 -16.89 9.01 -17.39
N TYR A 258 -17.26 8.74 -18.64
CA TYR A 258 -16.56 7.79 -19.51
C TYR A 258 -15.53 8.63 -20.30
N LYS A 259 -14.59 7.98 -21.01
CA LYS A 259 -13.64 8.69 -21.88
C LYS A 259 -12.93 7.86 -22.94
N PHE A 260 -12.47 8.55 -24.00
CA PHE A 260 -11.51 8.01 -24.96
C PHE A 260 -10.43 9.07 -25.26
N THR A 261 -9.35 8.64 -25.89
CA THR A 261 -8.23 9.53 -26.18
C THR A 261 -7.96 9.53 -27.67
N ILE A 262 -7.52 10.68 -28.17
CA ILE A 262 -7.02 10.80 -29.54
C ILE A 262 -5.62 11.34 -29.41
N LYS A 263 -4.66 10.56 -29.88
CA LYS A 263 -3.29 11.05 -30.03
C LYS A 263 -3.18 11.49 -31.48
N TYR A 264 -2.60 12.65 -31.70
CA TYR A 264 -2.33 13.12 -33.06
C TYR A 264 -1.20 14.14 -33.07
N THR A 265 -0.69 14.38 -34.28
CA THR A 265 0.31 15.42 -34.50
C THR A 265 -0.42 16.63 -35.11
N ASP A 266 -0.28 17.80 -34.47
CA ASP A 266 -1.05 18.97 -34.87
C ASP A 266 -0.41 19.65 -36.07
N ALA A 267 -1.02 20.74 -36.52
CA ALA A 267 -0.54 21.45 -37.72
C ALA A 267 0.93 21.85 -37.63
N SER A 268 1.42 22.22 -36.43
CA SER A 268 2.83 22.63 -36.22
C SER A 268 3.82 21.47 -36.02
N GLY A 269 3.30 20.25 -36.01
CA GLY A 269 4.08 19.06 -35.77
C GLY A 269 4.17 18.68 -34.29
N LYS A 270 3.34 19.28 -33.43
CA LYS A 270 3.39 19.00 -31.99
C LYS A 270 2.58 17.76 -31.66
N ALA A 271 3.11 16.93 -30.77
CA ALA A 271 2.42 15.72 -30.29
C ALA A 271 1.33 16.11 -29.28
N ILE A 272 0.10 15.74 -29.59
CA ILE A 272 -1.06 16.09 -28.78
C ILE A 272 -1.72 14.81 -28.32
N GLU A 273 -2.23 14.81 -27.08
CA GLU A 273 -3.19 13.81 -26.68
C GLU A 273 -4.39 14.46 -26.03
N LEU A 274 -5.52 14.23 -26.66
CA LEU A 274 -6.74 14.87 -26.29
C LEU A 274 -7.61 13.79 -25.65
N THR A 275 -8.01 14.04 -24.40
CA THR A 275 -8.97 13.19 -23.72
C THR A 275 -10.38 13.74 -23.95
N VAL A 276 -11.26 12.90 -24.47
CA VAL A 276 -12.66 13.28 -24.70
C VAL A 276 -13.55 12.52 -23.69
N GLU A 277 -14.10 13.26 -22.72
CA GLU A 277 -14.88 12.65 -21.63
C GLU A 277 -16.29 13.20 -21.49
N SER A 278 -17.20 12.31 -21.08
CA SER A 278 -18.64 12.60 -20.97
C SER A 278 -19.35 11.61 -20.04
N THR A 279 -20.20 12.14 -19.17
CA THR A 279 -21.16 11.31 -18.40
C THR A 279 -22.10 10.56 -19.36
N ASN A 280 -22.57 11.26 -20.40
CA ASN A 280 -23.37 10.65 -21.46
C ASN A 280 -22.47 9.75 -22.33
N GLU A 281 -22.86 8.49 -22.50
CA GLU A 281 -22.06 7.50 -23.24
C GLU A 281 -22.45 7.36 -24.73
N LYS A 282 -23.64 7.80 -25.10
CA LYS A 282 -24.03 7.83 -26.52
C LYS A 282 -23.32 8.97 -27.24
N ASP A 283 -23.34 10.16 -26.63
CA ASP A 283 -22.72 11.38 -27.20
C ASP A 283 -21.22 11.21 -27.44
N LEU A 284 -20.55 10.59 -26.47
CA LEU A 284 -19.13 10.28 -26.54
C LEU A 284 -18.82 9.33 -27.70
N LYS A 285 -19.62 8.27 -27.86
CA LYS A 285 -19.43 7.31 -28.96
C LYS A 285 -19.83 7.88 -30.34
N ASP A 286 -20.72 8.87 -30.36
CA ASP A 286 -21.06 9.60 -31.60
C ASP A 286 -19.93 10.53 -32.04
N ALA A 287 -19.43 11.35 -31.10
CA ALA A 287 -18.22 12.16 -31.33
C ALA A 287 -17.10 11.29 -31.86
N LYS A 288 -16.81 10.21 -31.13
CA LYS A 288 -15.79 9.23 -31.51
C LYS A 288 -15.92 8.74 -32.95
N ALA A 289 -17.13 8.31 -33.34
CA ALA A 289 -17.37 7.81 -34.70
C ALA A 289 -17.19 8.90 -35.78
N ALA A 290 -17.56 10.14 -35.45
CA ALA A 290 -17.38 11.27 -36.39
C ALA A 290 -15.90 11.56 -36.66
N LEU A 291 -15.03 11.38 -35.67
CA LEU A 291 -13.59 11.57 -35.87
C LEU A 291 -12.92 10.50 -36.75
N GLU A 292 -13.45 9.28 -36.79
CA GLU A 292 -12.80 8.14 -37.48
C GLU A 292 -12.57 8.39 -38.97
S SO4 B . 17.16 16.93 -7.46
O1 SO4 B . 16.58 16.18 -8.58
O2 SO4 B . 18.53 17.36 -7.87
O3 SO4 B . 16.32 18.12 -7.16
O4 SO4 B . 17.24 16.08 -6.24
S SO4 C . 7.48 6.52 5.92
O1 SO4 C . 8.70 5.71 5.96
O2 SO4 C . 7.66 7.67 5.00
O3 SO4 C . 7.18 7.04 7.29
O4 SO4 C . 6.36 5.67 5.45
S SO4 D . 11.51 -0.56 25.88
O1 SO4 D . 12.33 -0.95 24.71
O2 SO4 D . 10.29 0.14 25.42
O3 SO4 D . 12.29 0.36 26.75
O4 SO4 D . 11.12 -1.76 26.66
S SO4 E . -9.39 -21.18 36.84
O1 SO4 E . -10.09 -22.06 35.87
O2 SO4 E . -8.86 -20.01 36.09
O3 SO4 E . -10.39 -20.82 37.86
O4 SO4 E . -8.25 -21.92 37.47
S SO4 F . 3.61 -9.59 0.29
O1 SO4 F . 4.72 -9.53 1.28
O2 SO4 F . 4.07 -10.31 -0.93
O3 SO4 F . 3.15 -8.23 -0.07
O4 SO4 F . 2.46 -10.32 0.89
S SO4 G . 6.45 -14.49 6.94
O1 SO4 G . 6.96 -14.66 5.55
O2 SO4 G . 7.60 -14.46 7.88
O3 SO4 G . 5.69 -13.23 7.00
O4 SO4 G . 5.55 -15.62 7.30
S SO4 H . 11.83 15.53 -26.44
O1 SO4 H . 13.10 14.84 -26.10
O2 SO4 H . 12.12 16.52 -27.50
O3 SO4 H . 11.36 16.24 -25.23
O4 SO4 H . 10.81 14.56 -26.95
S SO4 I . 9.34 -4.30 41.07
O1 SO4 I . 10.16 -5.54 40.94
O2 SO4 I . 8.99 -3.76 39.74
O3 SO4 I . 10.12 -3.29 41.82
O4 SO4 I . 8.08 -4.63 41.77
S SO4 J . 3.59 24.25 -21.92
O1 SO4 J . 2.76 23.48 -22.88
O2 SO4 J . 4.44 25.23 -22.63
O3 SO4 J . 2.70 24.97 -20.99
O4 SO4 J . 4.47 23.32 -21.16
S SO4 K . 11.43 -8.37 -13.42
O1 SO4 K . 11.63 -8.34 -14.90
O2 SO4 K . 12.75 -8.26 -12.73
O3 SO4 K . 10.56 -7.24 -13.04
O4 SO4 K . 10.78 -9.63 -13.01
S SO4 L . -10.67 -3.48 9.20
O1 SO4 L . -10.94 -4.28 7.99
O2 SO4 L . -9.46 -4.00 9.89
O3 SO4 L . -11.85 -3.54 10.11
O4 SO4 L . -10.42 -2.08 8.82
S SO4 M . 8.17 -23.13 29.81
O1 SO4 M . 7.94 -23.47 28.37
O2 SO4 M . 9.15 -24.08 30.39
O3 SO4 M . 8.67 -21.74 29.93
O4 SO4 M . 6.90 -23.24 30.57
S SO4 N . -6.82 1.09 -26.50
O1 SO4 N . -7.47 1.03 -27.84
O2 SO4 N . -6.24 -0.24 -26.18
O3 SO4 N . -7.82 1.44 -25.48
O4 SO4 N . -5.75 2.13 -26.48
S SO4 O . 2.77 -23.10 21.24
O1 SO4 O . 2.71 -23.81 19.93
O2 SO4 O . 4.00 -22.28 21.31
O3 SO4 O . 1.58 -22.22 21.37
O4 SO4 O . 2.80 -24.11 22.32
S SO4 P . 4.95 -17.44 16.51
O1 SO4 P . 3.79 -17.41 15.59
O2 SO4 P . 6.21 -17.17 15.78
O3 SO4 P . 5.06 -18.79 17.11
O4 SO4 P . 4.75 -16.43 17.57
S SO4 Q . 22.63 -2.32 -9.80
O1 SO4 Q . 22.15 -3.26 -10.82
O2 SO4 Q . 24.10 -2.38 -9.71
O3 SO4 Q . 22.22 -0.93 -10.17
O4 SO4 Q . 22.05 -2.69 -8.48
S SO4 R . 10.65 10.31 -31.81
O1 SO4 R . 11.24 10.61 -33.14
O2 SO4 R . 10.87 8.87 -31.51
O3 SO4 R . 9.19 10.58 -31.86
O4 SO4 R . 11.29 11.17 -30.79
S SO4 S . -2.45 10.21 -40.98
O1 SO4 S . -2.49 8.91 -41.68
O2 SO4 S . -1.04 10.46 -40.60
O3 SO4 S . -2.90 11.29 -41.89
O4 SO4 S . -3.35 10.13 -39.79
S SO4 T . -26.21 12.79 -19.26
O1 SO4 T . -26.79 12.69 -20.62
O2 SO4 T . -25.04 11.88 -19.17
O3 SO4 T . -25.78 14.18 -19.00
O4 SO4 T . -27.22 12.39 -18.24
S SO4 U . -14.02 -2.62 13.42
O1 SO4 U . -13.93 -3.76 12.47
O2 SO4 U . -13.79 -1.37 12.65
O3 SO4 U . -15.39 -2.61 14.00
O4 SO4 U . -13.00 -2.69 14.52
#